data_5KMW
#
_entry.id   5KMW
#
_cell.length_a   72.262
_cell.length_b   72.262
_cell.length_c   98.193
_cell.angle_alpha   90.00
_cell.angle_beta   90.00
_cell.angle_gamma   120.00
#
_symmetry.space_group_name_H-M   'P 32 2 1'
#
loop_
_entity.id
_entity.type
_entity.pdbx_description
1 polymer 'Beta-lactamase Toho-1'
2 non-polymer 'SULFATE ION'
3 non-polymer 'OPEN FORM - PENICILLIN G'
4 non-polymer 'PENICILLIN G'
5 water water
#
_entity_poly.entity_id   1
_entity_poly.type   'polypeptide(L)'
_entity_poly.pdbx_seq_one_letter_code
;VQQQLEALEKSSGGRLGVALINTADNSQILYRADERFAMCSTSKVMAAAAVLKQSESDKHLLNQRVEIKKSDLVNYNPIA
EKHVNGTMTLAELGAAALQYSDNTAMNKLIAHLGGPDKVTAFARSLGDETFRLDRTAPTLNTAIPGDPRDTTTPLAMAQT
LKNLTLGKALAETQRAQLVTWLKGNTTGSASIRAGLPKSWVVGDKTGSGDYGTTNDIAVIWPENHAPLVLVTYFTQPEQK
AENRNDILAAAAKIVT
;
_entity_poly.pdbx_strand_id   A
#
loop_
_chem_comp.id
_chem_comp.type
_chem_comp.name
_chem_comp.formula
PNM non-polymer 'OPEN FORM - PENICILLIN G' 'C16 H20 N2 O4 S'
PNN non-polymer 'PENICILLIN G' 'C16 H18 N2 O4 S'
SO4 non-polymer 'SULFATE ION' 'O4 S -2'
#
# COMPACT_ATOMS: atom_id res chain seq x y z
N VAL A 1 -19.42 -15.82 -3.89
CA VAL A 1 -18.58 -14.58 -3.89
C VAL A 1 -17.89 -14.34 -5.24
N GLN A 2 -17.46 -15.43 -5.86
CA GLN A 2 -16.80 -15.28 -7.14
C GLN A 2 -17.70 -14.68 -8.20
N GLN A 3 -18.97 -15.10 -8.24
CA GLN A 3 -19.89 -14.60 -9.22
C GLN A 3 -20.19 -13.14 -8.97
N GLN A 4 -20.25 -12.78 -7.71
CA GLN A 4 -20.42 -11.35 -7.34
C GLN A 4 -19.26 -10.43 -7.79
N LEU A 5 -18.05 -10.93 -7.56
CA LEU A 5 -16.87 -10.19 -7.95
C LEU A 5 -16.84 -10.07 -9.47
N GLU A 6 -17.16 -11.15 -10.17
CA GLU A 6 -17.22 -11.12 -11.62
C GLU A 6 -18.24 -10.10 -12.11
N ALA A 7 -19.39 -10.08 -11.51
CA ALA A 7 -20.42 -9.12 -11.94
C ALA A 7 -19.99 -7.69 -11.61
N LEU A 8 -19.37 -7.46 -10.46
CA LEU A 8 -18.88 -6.14 -10.11
C LEU A 8 -17.87 -5.66 -11.16
N GLU A 9 -16.93 -6.53 -11.46
CA GLU A 9 -15.93 -6.21 -12.47
C GLU A 9 -16.56 -5.89 -13.82
N LYS A 10 -17.50 -6.70 -14.26
CA LYS A 10 -18.12 -6.49 -15.53
C LYS A 10 -18.83 -5.14 -15.63
N SER A 11 -19.60 -4.80 -14.59
CA SER A 11 -20.35 -3.55 -14.57
CA SER A 11 -20.33 -3.54 -14.63
C SER A 11 -19.40 -2.34 -14.48
N SER A 12 -18.26 -2.52 -13.81
CA SER A 12 -17.32 -1.47 -13.50
C SER A 12 -16.58 -0.98 -14.70
N GLY A 13 -16.49 -1.75 -15.77
CA GLY A 13 -15.68 -1.34 -16.93
C GLY A 13 -14.19 -1.32 -16.65
N GLY A 14 -13.73 -2.26 -15.83
CA GLY A 14 -12.30 -2.40 -15.60
C GLY A 14 -11.88 -3.82 -15.27
N ARG A 15 -10.74 -3.89 -14.61
CA ARG A 15 -10.03 -5.11 -14.23
C ARG A 15 -9.84 -5.03 -12.72
N LEU A 16 -10.39 -6.00 -12.02
CA LEU A 16 -10.43 -6.07 -10.57
C LEU A 16 -9.51 -7.17 -10.10
N GLY A 17 -8.70 -6.89 -9.06
CA GLY A 17 -7.87 -7.88 -8.41
C GLY A 17 -8.10 -7.87 -6.92
N VAL A 18 -8.42 -9.01 -6.37
CA VAL A 18 -8.71 -9.13 -4.96
C VAL A 18 -7.94 -10.28 -4.40
N ALA A 19 -7.34 -10.06 -3.22
CA ALA A 19 -6.85 -11.15 -2.41
C ALA A 19 -7.19 -10.87 -0.94
N LEU A 20 -8.01 -11.76 -0.39
CA LEU A 20 -8.37 -11.80 1.00
CA LEU A 20 -8.29 -11.75 1.02
C LEU A 20 -7.67 -13.00 1.64
N ILE A 21 -6.95 -12.75 2.74
CA ILE A 21 -6.44 -13.82 3.60
C ILE A 21 -7.16 -13.75 4.95
N ASN A 22 -7.79 -14.85 5.29
CA ASN A 22 -8.44 -14.94 6.60
C ASN A 22 -7.47 -15.67 7.53
N THR A 23 -6.88 -14.93 8.47
CA THR A 23 -5.88 -15.52 9.31
C THR A 23 -6.44 -16.50 10.36
N ALA A 24 -7.75 -16.65 10.42
CA ALA A 24 -8.36 -17.68 11.32
C ALA A 24 -7.87 -19.08 10.88
N ASP A 25 -7.80 -19.28 9.54
CA ASP A 25 -7.48 -20.60 9.00
C ASP A 25 -6.65 -20.57 7.72
N ASN A 26 -6.09 -19.44 7.34
CA ASN A 26 -5.28 -19.24 6.16
C ASN A 26 -6.11 -19.46 4.93
N SER A 27 -7.42 -19.47 5.01
CA SER A 27 -8.21 -19.53 3.77
C SER A 27 -8.12 -18.21 3.04
N GLN A 28 -8.41 -18.26 1.75
CA GLN A 28 -8.28 -17.13 0.89
C GLN A 28 -9.45 -16.98 -0.06
N ILE A 29 -9.69 -15.72 -0.42
CA ILE A 29 -10.62 -15.40 -1.51
C ILE A 29 -9.80 -14.66 -2.55
N LEU A 30 -9.67 -15.21 -3.75
CA LEU A 30 -8.77 -14.73 -4.77
C LEU A 30 -9.53 -14.41 -6.04
N TYR A 31 -9.25 -13.25 -6.65
CA TYR A 31 -9.86 -12.88 -7.93
C TYR A 31 -8.79 -12.16 -8.72
N ARG A 32 -8.30 -12.74 -9.81
CA ARG A 32 -7.15 -12.20 -10.56
C ARG A 32 -5.96 -11.94 -9.65
N ALA A 33 -5.82 -12.79 -8.62
CA ALA A 33 -4.84 -12.53 -7.57
C ALA A 33 -3.39 -12.78 -7.98
N ASP A 34 -3.15 -13.45 -9.11
CA ASP A 34 -1.81 -13.64 -9.63
C ASP A 34 -1.55 -12.71 -10.82
N GLU A 35 -2.42 -11.73 -11.06
CA GLU A 35 -2.22 -10.79 -12.16
C GLU A 35 -1.51 -9.56 -11.62
N ARG A 36 -0.63 -8.99 -12.45
N ARG A 36 -0.58 -8.99 -12.41
CA ARG A 36 0.03 -7.75 -12.08
CA ARG A 36 0.09 -7.78 -11.96
C ARG A 36 -0.90 -6.54 -12.23
C ARG A 36 -0.77 -6.54 -12.23
N PHE A 37 -0.74 -5.62 -11.27
CA PHE A 37 -1.36 -4.32 -11.26
C PHE A 37 -0.32 -3.31 -10.81
N ALA A 38 -0.41 -2.09 -11.33
CA ALA A 38 0.35 -0.98 -10.82
C ALA A 38 -0.06 -0.70 -9.38
N MET A 39 0.90 -0.71 -8.45
CA MET A 39 0.62 -0.49 -7.06
C MET A 39 0.22 0.92 -6.75
N CYS A 40 0.69 1.86 -7.53
CA CYS A 40 0.55 3.27 -7.20
C CYS A 40 1.09 3.48 -5.76
N SER A 41 0.44 4.33 -4.98
CA SER A 41 0.98 4.67 -3.66
C SER A 41 0.85 3.54 -2.64
N THR A 42 0.24 2.42 -2.97
CA THR A 42 0.29 1.31 -2.03
C THR A 42 1.71 0.79 -1.86
N SER A 43 2.60 1.07 -2.81
CA SER A 43 4.00 0.76 -2.75
C SER A 43 4.72 1.45 -1.56
N LYS A 44 4.13 2.51 -1.03
CA LYS A 44 4.77 3.24 0.06
C LYS A 44 4.92 2.39 1.30
N VAL A 45 4.04 1.40 1.48
CA VAL A 45 4.19 0.50 2.62
C VAL A 45 5.53 -0.19 2.61
N MET A 46 5.98 -0.63 1.43
CA MET A 46 7.25 -1.34 1.32
C MET A 46 8.42 -0.43 1.62
N ALA A 47 8.37 0.82 1.14
CA ALA A 47 9.43 1.75 1.38
C ALA A 47 9.54 2.09 2.85
N ALA A 48 8.39 2.38 3.51
CA ALA A 48 8.41 2.67 4.93
C ALA A 48 8.91 1.49 5.72
N ALA A 49 8.48 0.29 5.36
CA ALA A 49 8.92 -0.90 6.05
C ALA A 49 10.42 -1.15 5.86
N ALA A 50 10.98 -0.83 4.72
CA ALA A 50 12.41 -0.98 4.49
C ALA A 50 13.18 -0.12 5.46
N VAL A 51 12.74 1.11 5.69
CA VAL A 51 13.37 2.01 6.66
C VAL A 51 13.21 1.44 8.08
N LEU A 52 11.97 0.93 8.39
CA LEU A 52 11.82 0.29 9.68
C LEU A 52 12.78 -0.87 9.85
N LYS A 53 13.00 -1.69 8.83
CA LYS A 53 13.95 -2.80 8.94
C LYS A 53 15.33 -2.27 9.30
N GLN A 54 15.78 -1.20 8.59
CA GLN A 54 17.08 -0.63 8.92
C GLN A 54 17.13 -0.19 10.37
N SER A 55 16.05 0.37 10.87
CA SER A 55 16.03 0.86 12.23
C SER A 55 16.18 -0.19 13.28
N GLU A 56 15.95 -1.46 12.92
CA GLU A 56 16.17 -2.59 13.84
C GLU A 56 17.64 -2.63 14.30
N SER A 57 18.55 -2.18 13.45
CA SER A 57 19.98 -2.25 13.73
C SER A 57 20.60 -0.85 13.89
N ASP A 58 19.80 0.19 13.90
CA ASP A 58 20.27 1.55 14.07
C ASP A 58 19.27 2.35 14.89
N LYS A 59 19.59 2.47 16.15
CA LYS A 59 18.64 3.03 17.12
C LYS A 59 18.45 4.53 16.92
N HIS A 60 19.29 5.15 16.12
CA HIS A 60 19.14 6.61 15.86
C HIS A 60 18.45 6.94 14.58
N LEU A 61 18.18 5.94 13.78
CA LEU A 61 17.73 6.20 12.42
C LEU A 61 16.40 6.96 12.33
N LEU A 62 15.39 6.52 13.09
CA LEU A 62 14.09 7.15 12.90
C LEU A 62 14.05 8.63 13.27
N ASN A 63 14.99 9.03 14.14
CA ASN A 63 15.06 10.45 14.49
C ASN A 63 16.01 11.23 13.63
N GLN A 64 16.60 10.62 12.62
CA GLN A 64 17.50 11.30 11.70
C GLN A 64 16.74 12.42 10.97
N ARG A 65 17.32 13.60 10.95
CA ARG A 65 16.69 14.74 10.29
C ARG A 65 16.97 14.71 8.82
N VAL A 66 15.97 15.01 8.04
CA VAL A 66 16.05 15.10 6.60
C VAL A 66 15.64 16.48 6.17
N GLU A 67 16.50 17.14 5.39
CA GLU A 67 16.16 18.47 4.90
C GLU A 67 15.12 18.42 3.81
N ILE A 68 14.15 19.31 3.90
CA ILE A 68 13.11 19.51 2.90
C ILE A 68 13.34 20.83 2.16
N LYS A 69 13.57 20.75 0.87
CA LYS A 69 13.89 21.89 0.02
C LYS A 69 12.68 22.12 -0.89
N LYS A 70 12.46 23.39 -1.28
CA LYS A 70 11.37 23.68 -2.20
C LYS A 70 11.47 22.82 -3.46
N SER A 71 12.66 22.57 -4.00
CA SER A 71 12.79 21.68 -5.16
C SER A 71 12.37 20.24 -4.93
N ASP A 72 12.18 19.81 -3.70
CA ASP A 72 11.74 18.46 -3.40
C ASP A 72 10.26 18.28 -3.66
N LEU A 73 9.53 19.37 -3.66
CA LEU A 73 8.11 19.26 -3.77
C LEU A 73 7.71 18.73 -5.14
N VAL A 74 6.71 17.84 -5.17
CA VAL A 74 6.16 17.27 -6.39
C VAL A 74 4.68 17.58 -6.45
N ASN A 75 3.83 16.71 -6.92
CA ASN A 75 2.45 17.00 -7.16
C ASN A 75 1.64 17.13 -5.89
N TYR A 76 1.98 16.35 -4.87
CA TYR A 76 1.21 16.33 -3.67
C TYR A 76 2.07 16.06 -2.48
N ASN A 77 2.10 17.05 -1.62
CA ASN A 77 3.12 17.11 -0.54
C ASN A 77 2.45 17.77 0.67
N PRO A 78 1.31 17.27 1.14
CA PRO A 78 0.51 18.03 2.14
C PRO A 78 1.25 18.21 3.46
N ILE A 79 2.15 17.29 3.79
CA ILE A 79 2.90 17.48 5.00
C ILE A 79 4.24 18.11 4.72
N ALA A 80 5.00 17.65 3.72
CA ALA A 80 6.31 18.19 3.42
C ALA A 80 6.24 19.67 3.09
N GLU A 81 5.21 20.15 2.43
CA GLU A 81 5.21 21.57 2.14
C GLU A 81 5.14 22.45 3.37
N LYS A 82 4.72 21.90 4.50
CA LYS A 82 4.68 22.67 5.72
C LYS A 82 6.09 22.81 6.30
N HIS A 83 7.04 22.04 5.75
CA HIS A 83 8.40 21.96 6.32
C HIS A 83 9.50 22.39 5.37
N VAL A 84 9.16 23.08 4.30
CA VAL A 84 10.19 23.57 3.40
C VAL A 84 11.05 24.55 4.17
N ASN A 85 12.36 24.41 3.98
CA ASN A 85 13.41 25.14 4.60
C ASN A 85 13.81 24.60 5.98
N GLY A 86 13.14 23.54 6.41
N GLY A 86 13.09 23.60 6.42
CA GLY A 86 13.46 22.87 7.65
CA GLY A 86 13.25 22.89 7.67
C GLY A 86 13.84 21.42 7.47
C GLY A 86 13.55 21.42 7.43
N THR A 87 13.48 20.65 8.50
CA THR A 87 13.68 19.21 8.46
C THR A 87 12.45 18.45 8.92
N MET A 88 12.40 17.21 8.52
CA MET A 88 11.49 16.21 9.04
C MET A 88 12.32 14.99 9.40
N THR A 89 11.96 14.27 10.46
CA THR A 89 12.70 13.04 10.73
C THR A 89 12.26 11.92 9.81
N LEU A 90 13.05 10.87 9.75
CA LEU A 90 12.63 9.68 8.94
C LEU A 90 11.31 9.12 9.48
N ALA A 91 11.10 9.09 10.79
CA ALA A 91 9.80 8.65 11.31
C ALA A 91 8.68 9.54 10.82
N GLU A 92 8.90 10.85 10.84
CA GLU A 92 7.86 11.78 10.37
C GLU A 92 7.59 11.59 8.90
N LEU A 93 8.63 11.28 8.11
CA LEU A 93 8.47 11.00 6.70
C LEU A 93 7.70 9.73 6.49
N GLY A 94 7.95 8.68 7.27
CA GLY A 94 7.16 7.47 7.17
C GLY A 94 5.70 7.74 7.49
N ALA A 95 5.44 8.50 8.58
CA ALA A 95 4.07 8.83 8.93
C ALA A 95 3.38 9.63 7.84
N ALA A 96 4.07 10.61 7.27
CA ALA A 96 3.45 11.42 6.21
C ALA A 96 3.18 10.61 4.96
N ALA A 97 4.15 9.78 4.57
CA ALA A 97 4.00 8.95 3.39
C ALA A 97 2.80 8.02 3.55
N LEU A 98 2.65 7.41 4.74
CA LEU A 98 1.61 6.43 4.90
C LEU A 98 0.25 7.03 5.23
N GLN A 99 0.24 8.05 6.08
CA GLN A 99 -1.04 8.51 6.62
C GLN A 99 -1.69 9.61 5.81
N TYR A 100 -0.88 10.32 5.01
CA TYR A 100 -1.37 11.35 4.12
C TYR A 100 -1.07 11.06 2.67
N SER A 101 -0.30 10.03 2.39
CA SER A 101 0.18 9.76 1.04
C SER A 101 0.99 10.94 0.45
N ASP A 102 1.87 11.51 1.30
CA ASP A 102 2.76 12.57 0.85
C ASP A 102 3.82 11.99 -0.08
N ASN A 103 3.83 12.48 -1.34
CA ASN A 103 4.75 11.97 -2.33
C ASN A 103 6.20 12.45 -2.14
N THR A 104 6.38 13.66 -1.59
CA THR A 104 7.73 14.09 -1.24
C THR A 104 8.28 13.16 -0.17
N ALA A 105 7.46 12.80 0.83
CA ALA A 105 7.90 11.92 1.87
C ALA A 105 8.32 10.58 1.31
N MET A 106 7.52 10.00 0.43
CA MET A 106 7.91 8.76 -0.24
C MET A 106 9.26 8.92 -0.91
N ASN A 107 9.44 10.02 -1.66
CA ASN A 107 10.70 10.20 -2.35
C ASN A 107 11.85 10.30 -1.39
N LYS A 108 11.67 10.94 -0.24
CA LYS A 108 12.76 10.99 0.76
C LYS A 108 13.08 9.61 1.28
N LEU A 109 12.07 8.78 1.46
CA LEU A 109 12.33 7.41 1.91
C LEU A 109 13.15 6.64 0.86
N ILE A 110 12.72 6.76 -0.40
CA ILE A 110 13.41 6.06 -1.49
C ILE A 110 14.87 6.56 -1.58
N ALA A 111 15.06 7.87 -1.51
CA ALA A 111 16.40 8.41 -1.65
C ALA A 111 17.27 7.96 -0.46
N HIS A 112 16.71 7.97 0.73
CA HIS A 112 17.46 7.48 1.88
C HIS A 112 17.92 6.04 1.65
N LEU A 113 17.02 5.20 1.15
CA LEU A 113 17.33 3.81 0.92
C LEU A 113 18.31 3.55 -0.23
N GLY A 114 18.48 4.54 -1.12
CA GLY A 114 19.38 4.38 -2.24
C GLY A 114 18.74 4.08 -3.56
N GLY A 115 17.45 4.27 -3.69
CA GLY A 115 16.73 4.23 -4.90
C GLY A 115 15.71 3.10 -4.97
N PRO A 116 14.87 3.14 -6.01
CA PRO A 116 13.77 2.14 -6.09
C PRO A 116 14.26 0.71 -6.01
N ASP A 117 15.36 0.37 -6.65
CA ASP A 117 15.90 -0.97 -6.62
CA ASP A 117 15.83 -1.02 -6.64
C ASP A 117 16.13 -1.49 -5.23
N LYS A 118 16.45 -0.62 -4.28
CA LYS A 118 16.69 -1.01 -2.90
C LYS A 118 15.39 -1.40 -2.23
N VAL A 119 14.31 -0.77 -2.64
CA VAL A 119 13.01 -1.15 -2.11
C VAL A 119 12.67 -2.55 -2.62
N THR A 120 12.92 -2.80 -3.90
CA THR A 120 12.69 -4.13 -4.41
C THR A 120 13.51 -5.16 -3.67
N ALA A 121 14.79 -4.86 -3.42
CA ALA A 121 15.62 -5.82 -2.71
C ALA A 121 15.06 -6.09 -1.33
N PHE A 122 14.54 -5.09 -0.67
CA PHE A 122 13.91 -5.29 0.64
C PHE A 122 12.71 -6.23 0.52
N ALA A 123 11.87 -6.03 -0.48
CA ALA A 123 10.76 -6.96 -0.69
C ALA A 123 11.25 -8.38 -0.86
N ARG A 124 12.30 -8.56 -1.68
CA ARG A 124 12.86 -9.90 -1.90
CA ARG A 124 12.80 -9.92 -1.89
C ARG A 124 13.30 -10.51 -0.59
N SER A 125 13.88 -9.69 0.29
CA SER A 125 14.41 -10.18 1.52
C SER A 125 13.29 -10.70 2.43
N LEU A 126 12.05 -10.26 2.18
CA LEU A 126 10.90 -10.71 2.92
C LEU A 126 10.18 -11.88 2.26
N GLY A 127 10.80 -12.38 1.21
N GLY A 127 10.75 -12.46 1.22
CA GLY A 127 10.43 -13.48 0.33
CA GLY A 127 9.98 -13.56 0.61
C GLY A 127 9.53 -13.14 -0.80
C GLY A 127 8.99 -13.10 -0.40
N ASP A 128 9.18 -11.87 -0.96
CA ASP A 128 8.23 -11.42 -1.98
C ASP A 128 9.02 -11.32 -3.26
N GLU A 129 8.73 -12.28 -4.16
CA GLU A 129 9.44 -12.34 -5.41
CA GLU A 129 9.41 -12.37 -5.43
C GLU A 129 8.72 -11.56 -6.54
N THR A 130 7.64 -10.88 -6.21
CA THR A 130 6.74 -10.30 -7.16
C THR A 130 6.84 -8.77 -7.24
N PHE A 131 6.85 -8.15 -6.07
CA PHE A 131 6.92 -6.70 -5.98
C PHE A 131 8.08 -6.17 -6.80
N ARG A 132 7.87 -5.04 -7.47
CA ARG A 132 8.99 -4.30 -8.00
C ARG A 132 8.69 -2.80 -7.93
N LEU A 133 9.65 -2.04 -7.42
CA LEU A 133 9.62 -0.60 -7.48
C LEU A 133 10.69 -0.14 -8.44
N ASP A 134 10.29 0.69 -9.39
CA ASP A 134 11.10 1.13 -10.48
C ASP A 134 11.30 2.65 -10.52
N ARG A 135 10.33 3.41 -10.07
CA ARG A 135 10.35 4.88 -10.17
C ARG A 135 10.03 5.52 -8.85
N THR A 136 10.35 6.81 -8.79
CA THR A 136 9.92 7.69 -7.70
C THR A 136 8.50 8.19 -7.97
N ALA A 137 7.99 8.95 -7.01
CA ALA A 137 6.71 9.60 -7.16
C ALA A 137 6.89 10.94 -7.85
N PRO A 138 5.94 11.35 -8.70
CA PRO A 138 4.64 10.67 -8.96
C PRO A 138 4.64 9.77 -10.17
N THR A 139 5.77 9.60 -10.88
CA THR A 139 5.72 8.78 -12.08
C THR A 139 5.45 7.31 -11.81
N LEU A 140 5.67 6.81 -10.58
CA LEU A 140 5.29 5.44 -10.27
C LEU A 140 3.80 5.24 -10.38
N ASN A 141 2.98 6.24 -10.55
CA ASN A 141 1.52 6.15 -10.69
C ASN A 141 0.99 6.21 -12.11
N THR A 142 1.86 6.11 -13.14
CA THR A 142 1.35 6.15 -14.50
C THR A 142 0.39 4.99 -14.81
N ALA A 143 0.64 3.83 -14.25
CA ALA A 143 -0.29 2.70 -14.27
C ALA A 143 -0.74 2.29 -15.66
N ILE A 144 0.22 2.29 -16.61
CA ILE A 144 -0.08 1.97 -17.98
C ILE A 144 -0.38 0.49 -18.11
N PRO A 145 -1.46 0.10 -18.78
CA PRO A 145 -1.78 -1.35 -18.87
C PRO A 145 -0.64 -2.11 -19.47
N GLY A 146 -0.25 -3.21 -18.80
CA GLY A 146 0.81 -4.06 -19.29
C GLY A 146 2.21 -3.63 -18.92
N ASP A 147 2.35 -2.41 -18.36
CA ASP A 147 3.67 -1.95 -17.95
C ASP A 147 4.06 -2.67 -16.68
N PRO A 148 5.18 -3.37 -16.60
CA PRO A 148 5.54 -4.09 -15.38
C PRO A 148 6.10 -3.17 -14.30
N ARG A 149 6.50 -1.94 -14.64
CA ARG A 149 7.14 -1.08 -13.64
C ARG A 149 6.20 -0.82 -12.48
N ASP A 150 6.72 -0.88 -11.26
CA ASP A 150 5.96 -0.46 -10.09
C ASP A 150 4.70 -1.30 -9.92
N THR A 151 4.82 -2.60 -10.12
CA THR A 151 3.70 -3.51 -10.01
C THR A 151 3.94 -4.59 -8.99
N THR A 152 2.85 -5.23 -8.59
CA THR A 152 2.81 -6.46 -7.88
C THR A 152 1.49 -7.17 -8.18
N THR A 153 1.26 -8.31 -7.57
CA THR A 153 -0.03 -9.01 -7.68
C THR A 153 -0.81 -8.87 -6.40
N PRO A 154 -2.13 -9.01 -6.45
CA PRO A 154 -2.89 -8.91 -5.18
C PRO A 154 -2.46 -9.93 -4.16
N LEU A 155 -2.24 -11.17 -4.55
CA LEU A 155 -1.84 -12.18 -3.58
C LEU A 155 -0.46 -11.89 -3.02
N ALA A 156 0.49 -11.49 -3.86
CA ALA A 156 1.82 -11.20 -3.30
C ALA A 156 1.73 -10.09 -2.28
N MET A 157 0.99 -9.05 -2.58
CA MET A 157 0.87 -7.91 -1.68
CA MET A 157 0.93 -7.92 -1.65
C MET A 157 0.10 -8.28 -0.42
N ALA A 158 -0.91 -9.12 -0.53
CA ALA A 158 -1.63 -9.58 0.67
C ALA A 158 -0.71 -10.39 1.55
N GLN A 159 0.01 -11.34 0.98
CA GLN A 159 0.96 -12.15 1.76
CA GLN A 159 0.94 -12.13 1.77
C GLN A 159 1.98 -11.26 2.46
N THR A 160 2.58 -10.34 1.71
CA THR A 160 3.59 -9.49 2.31
C THR A 160 3.00 -8.54 3.34
N LEU A 161 1.83 -7.97 3.08
CA LEU A 161 1.22 -7.10 4.09
C LEU A 161 0.92 -7.89 5.35
N LYS A 162 0.45 -9.12 5.22
CA LYS A 162 0.23 -9.96 6.40
CA LYS A 162 0.24 -10.01 6.37
C LYS A 162 1.54 -10.17 7.16
N ASN A 163 2.60 -10.51 6.40
CA ASN A 163 3.88 -10.75 7.08
C ASN A 163 4.38 -9.49 7.78
N LEU A 164 4.20 -8.33 7.14
CA LEU A 164 4.68 -7.08 7.68
C LEU A 164 3.93 -6.66 8.95
N THR A 165 2.61 -6.88 8.97
CA THR A 165 1.80 -6.32 10.05
C THR A 165 1.43 -7.28 11.13
N LEU A 166 1.38 -8.56 10.82
CA LEU A 166 0.93 -9.62 11.72
C LEU A 166 1.91 -10.74 11.86
N GLY A 167 2.97 -10.79 11.05
CA GLY A 167 3.85 -11.90 10.87
C GLY A 167 5.29 -11.59 11.01
N LYS A 168 6.07 -12.38 10.28
CA LYS A 168 7.51 -12.60 10.43
CA LYS A 168 7.48 -12.36 10.71
C LYS A 168 8.43 -11.48 9.95
N ALA A 169 8.01 -10.50 9.24
CA ALA A 169 8.89 -9.62 8.49
C ALA A 169 9.75 -8.65 9.30
N LEU A 170 9.14 -8.03 10.30
CA LEU A 170 9.77 -6.99 11.13
C LEU A 170 9.85 -7.44 12.58
N ALA A 171 10.87 -6.95 13.28
CA ALA A 171 10.92 -7.12 14.71
C ALA A 171 9.73 -6.40 15.34
N GLU A 172 9.37 -6.76 16.58
CA GLU A 172 8.12 -6.32 17.18
C GLU A 172 7.95 -4.82 17.20
N THR A 173 8.92 -4.06 17.70
CA THR A 173 8.68 -2.62 17.82
C THR A 173 8.40 -2.00 16.45
N GLN A 174 9.09 -2.52 15.43
CA GLN A 174 8.95 -2.02 14.08
C GLN A 174 7.60 -2.43 13.47
N ARG A 175 7.20 -3.66 13.68
CA ARG A 175 5.90 -4.13 13.26
C ARG A 175 4.81 -3.23 13.87
N ALA A 176 4.92 -3.03 15.19
CA ALA A 176 3.92 -2.22 15.87
C ALA A 176 3.90 -0.84 15.29
N GLN A 177 5.05 -0.25 14.97
CA GLN A 177 5.07 1.10 14.39
C GLN A 177 4.37 1.15 13.06
N LEU A 178 4.62 0.12 12.22
CA LEU A 178 3.95 0.06 10.94
C LEU A 178 2.46 -0.02 11.12
N VAL A 179 1.98 -0.85 12.02
CA VAL A 179 0.57 -0.98 12.31
C VAL A 179 -0.03 0.33 12.81
N THR A 180 0.67 1.01 13.72
CA THR A 180 0.23 2.29 14.20
C THR A 180 0.03 3.25 13.03
N TRP A 181 1.03 3.28 12.14
CA TRP A 181 0.93 4.15 10.98
C TRP A 181 -0.27 3.81 10.12
N LEU A 182 -0.46 2.54 9.77
CA LEU A 182 -1.56 2.17 8.91
C LEU A 182 -2.92 2.43 9.55
N LYS A 183 -3.05 2.17 10.85
CA LYS A 183 -4.31 2.43 11.52
C LYS A 183 -4.68 3.89 11.48
N GLY A 184 -3.69 4.79 11.49
CA GLY A 184 -3.91 6.20 11.47
C GLY A 184 -4.03 6.82 10.08
N ASN A 185 -4.13 6.01 9.07
CA ASN A 185 -4.31 6.56 7.74
C ASN A 185 -5.54 7.42 7.66
N THR A 186 -5.41 8.54 6.96
CA THR A 186 -6.51 9.47 6.77
C THR A 186 -7.14 9.38 5.38
N THR A 187 -6.55 8.65 4.44
CA THR A 187 -6.99 8.71 3.06
C THR A 187 -7.93 7.62 2.60
N GLY A 188 -8.31 6.71 3.48
CA GLY A 188 -9.01 5.51 3.02
C GLY A 188 -10.47 5.42 3.35
N SER A 189 -11.11 6.46 3.78
CA SER A 189 -12.48 6.34 4.27
CA SER A 189 -12.49 6.39 4.24
C SER A 189 -13.44 5.72 3.26
N ALA A 190 -13.30 6.10 2.01
CA ALA A 190 -14.23 5.68 0.95
C ALA A 190 -13.84 4.35 0.27
N SER A 191 -12.74 3.74 0.64
CA SER A 191 -12.23 2.55 0.00
C SER A 191 -12.62 1.33 0.80
N ILE A 192 -11.68 0.43 1.13
CA ILE A 192 -12.05 -0.79 1.83
C ILE A 192 -12.89 -0.51 3.07
N ARG A 193 -12.48 0.50 3.87
CA ARG A 193 -13.20 0.78 5.08
C ARG A 193 -14.69 1.00 4.87
N ALA A 194 -15.08 1.62 3.76
CA ALA A 194 -16.51 1.88 3.51
C ALA A 194 -17.32 0.63 3.25
N GLY A 195 -16.67 -0.48 2.97
CA GLY A 195 -17.34 -1.77 2.79
C GLY A 195 -17.43 -2.65 3.99
N LEU A 196 -16.94 -2.16 5.14
CA LEU A 196 -16.83 -2.94 6.36
C LEU A 196 -17.70 -2.37 7.45
N PRO A 197 -18.05 -3.17 8.46
CA PRO A 197 -18.65 -2.63 9.65
C PRO A 197 -17.85 -1.47 10.22
N LYS A 198 -18.58 -0.45 10.69
CA LYS A 198 -17.94 0.79 11.04
C LYS A 198 -17.02 0.67 12.24
N SER A 199 -17.34 -0.30 13.10
CA SER A 199 -16.52 -0.43 14.27
C SER A 199 -15.37 -1.42 14.12
N TRP A 200 -15.20 -2.06 12.98
CA TRP A 200 -13.98 -2.86 12.81
C TRP A 200 -12.80 -1.95 12.77
N VAL A 201 -11.70 -2.39 13.34
CA VAL A 201 -10.50 -1.61 13.31
C VAL A 201 -9.73 -1.93 12.03
N VAL A 202 -9.23 -0.91 11.34
CA VAL A 202 -8.58 -1.08 10.06
C VAL A 202 -7.31 -0.27 10.01
N GLY A 203 -6.27 -0.84 9.44
CA GLY A 203 -5.12 -0.14 8.94
C GLY A 203 -5.05 -0.31 7.43
N ASP A 204 -4.77 0.75 6.69
CA ASP A 204 -4.73 0.61 5.24
C ASP A 204 -3.81 1.63 4.61
N LYS A 205 -3.47 1.37 3.34
CA LYS A 205 -2.79 2.30 2.47
C LYS A 205 -3.45 2.29 1.10
N THR A 206 -3.90 3.44 0.66
CA THR A 206 -4.52 3.64 -0.65
C THR A 206 -3.48 3.93 -1.73
N GLY A 207 -3.96 3.89 -2.96
CA GLY A 207 -3.23 4.45 -4.10
C GLY A 207 -4.20 4.81 -5.20
N SER A 208 -3.79 5.83 -5.99
CA SER A 208 -4.55 6.23 -7.16
CA SER A 208 -4.55 6.24 -7.15
C SER A 208 -3.55 6.60 -8.24
N GLY A 209 -3.90 6.26 -9.48
CA GLY A 209 -3.05 6.60 -10.62
C GLY A 209 -3.87 6.86 -11.84
N ASP A 210 -3.15 6.98 -12.96
CA ASP A 210 -3.79 7.06 -14.25
C ASP A 210 -4.49 5.73 -14.57
N TYR A 211 -5.19 5.69 -15.70
CA TYR A 211 -6.00 4.55 -16.06
C TYR A 211 -7.02 4.24 -14.97
N GLY A 212 -7.43 5.32 -14.25
CA GLY A 212 -8.42 5.14 -13.20
C GLY A 212 -7.99 4.14 -12.17
N THR A 213 -6.70 3.95 -11.98
CA THR A 213 -6.17 2.88 -11.13
C THR A 213 -6.40 3.27 -9.68
N THR A 214 -7.07 2.43 -8.95
CA THR A 214 -7.59 2.74 -7.64
C THR A 214 -7.40 1.53 -6.76
N ASN A 215 -6.58 1.70 -5.70
CA ASN A 215 -6.07 0.58 -4.95
C ASN A 215 -6.21 0.82 -3.46
N ASP A 216 -6.24 -0.24 -2.69
CA ASP A 216 -6.20 -0.16 -1.24
C ASP A 216 -5.70 -1.52 -0.74
N ILE A 217 -4.83 -1.47 0.30
CA ILE A 217 -4.35 -2.67 0.95
C ILE A 217 -4.59 -2.46 2.44
N ALA A 218 -5.16 -3.44 3.09
CA ALA A 218 -5.65 -3.28 4.45
C ALA A 218 -5.43 -4.51 5.31
N VAL A 219 -5.25 -4.23 6.59
CA VAL A 219 -5.33 -5.20 7.63
CA VAL A 219 -5.30 -5.19 7.67
C VAL A 219 -6.53 -4.80 8.50
N ILE A 220 -7.35 -5.81 8.79
CA ILE A 220 -8.68 -5.63 9.36
C ILE A 220 -8.77 -6.48 10.62
N TRP A 221 -9.21 -5.89 11.70
CA TRP A 221 -9.40 -6.58 12.97
C TRP A 221 -10.88 -6.57 13.33
N PRO A 222 -11.57 -7.64 13.02
CA PRO A 222 -12.97 -7.78 13.49
C PRO A 222 -13.02 -7.81 15.02
N GLU A 223 -14.21 -7.51 15.60
CA GLU A 223 -14.38 -7.46 17.05
C GLU A 223 -14.24 -8.82 17.74
N ASN A 224 -14.58 -9.94 17.08
CA ASN A 224 -14.70 -11.28 17.61
C ASN A 224 -14.03 -12.31 16.76
N HIS A 225 -13.14 -11.95 15.86
CA HIS A 225 -12.53 -12.92 14.93
C HIS A 225 -11.09 -12.53 14.67
N ALA A 226 -10.33 -13.47 14.17
CA ALA A 226 -8.95 -13.21 13.77
C ALA A 226 -8.88 -12.20 12.63
N PRO A 227 -7.73 -11.54 12.49
CA PRO A 227 -7.61 -10.55 11.42
C PRO A 227 -7.75 -11.11 10.01
N LEU A 228 -8.15 -10.19 9.14
CA LEU A 228 -8.20 -10.41 7.73
C LEU A 228 -7.18 -9.47 7.07
N VAL A 229 -6.57 -9.88 5.99
CA VAL A 229 -5.74 -9.02 5.17
C VAL A 229 -6.36 -8.99 3.79
N LEU A 230 -6.56 -7.77 3.27
CA LEU A 230 -7.31 -7.59 2.02
C LEU A 230 -6.58 -6.63 1.12
N VAL A 231 -6.33 -7.07 -0.11
CA VAL A 231 -5.86 -6.22 -1.20
C VAL A 231 -6.98 -6.13 -2.23
N THR A 232 -7.33 -4.90 -2.57
CA THR A 232 -8.26 -4.60 -3.65
C THR A 232 -7.55 -3.65 -4.63
N TYR A 233 -7.28 -4.12 -5.83
CA TYR A 233 -6.65 -3.35 -6.90
C TYR A 233 -7.66 -3.22 -8.03
N PHE A 234 -7.67 -2.08 -8.69
CA PHE A 234 -8.65 -1.88 -9.78
C PHE A 234 -8.01 -0.97 -10.82
N THR A 235 -8.18 -1.28 -12.09
CA THR A 235 -7.65 -0.42 -13.14
C THR A 235 -8.57 -0.51 -14.36
N GLN A 236 -8.46 0.48 -15.21
CA GLN A 236 -9.41 0.67 -16.30
C GLN A 236 -8.66 0.88 -17.61
N PRO A 237 -9.35 0.69 -18.71
CA PRO A 237 -8.62 0.70 -20.01
C PRO A 237 -8.23 2.07 -20.54
N GLU A 238 -8.86 3.15 -20.11
CA GLU A 238 -8.67 4.45 -20.64
C GLU A 238 -7.83 5.29 -19.68
N GLN A 239 -6.88 6.04 -20.24
CA GLN A 239 -5.88 6.70 -19.46
C GLN A 239 -6.47 7.71 -18.47
N LYS A 240 -7.52 8.43 -18.89
CA LYS A 240 -8.14 9.47 -18.06
C LYS A 240 -9.42 8.98 -17.38
N ALA A 241 -9.57 7.67 -17.22
CA ALA A 241 -10.68 7.16 -16.45
C ALA A 241 -10.75 7.75 -15.06
N GLU A 242 -11.95 7.96 -14.54
CA GLU A 242 -12.05 8.41 -13.13
C GLU A 242 -11.59 7.30 -12.20
N ASN A 243 -10.97 7.68 -11.08
CA ASN A 243 -10.70 6.75 -10.03
C ASN A 243 -12.01 6.31 -9.37
N ARG A 244 -12.16 5.17 -8.78
CA ARG A 244 -13.27 4.43 -8.34
C ARG A 244 -13.05 3.76 -6.99
N ASN A 245 -12.97 4.59 -5.94
CA ASN A 245 -12.84 4.10 -4.57
CA ASN A 245 -12.79 4.01 -4.61
C ASN A 245 -14.02 3.19 -4.22
N ASP A 246 -15.17 3.54 -4.78
CA ASP A 246 -16.38 2.79 -4.50
C ASP A 246 -16.33 1.32 -4.92
N ILE A 247 -15.58 1.01 -5.99
CA ILE A 247 -15.40 -0.36 -6.42
C ILE A 247 -14.67 -1.15 -5.34
N LEU A 248 -13.68 -0.52 -4.70
CA LEU A 248 -12.94 -1.16 -3.64
C LEU A 248 -13.82 -1.43 -2.42
N ALA A 249 -14.64 -0.44 -2.06
CA ALA A 249 -15.62 -0.64 -0.98
C ALA A 249 -16.55 -1.81 -1.31
N ALA A 250 -17.04 -1.86 -2.54
CA ALA A 250 -17.94 -2.92 -2.96
C ALA A 250 -17.28 -4.27 -2.86
N ALA A 251 -16.05 -4.35 -3.34
CA ALA A 251 -15.32 -5.61 -3.28
C ALA A 251 -15.13 -6.06 -1.84
N ALA A 252 -14.77 -5.11 -0.98
CA ALA A 252 -14.59 -5.43 0.43
C ALA A 252 -15.89 -5.97 1.03
N LYS A 253 -17.01 -5.34 0.71
CA LYS A 253 -18.27 -5.80 1.24
C LYS A 253 -18.57 -7.23 0.78
N ILE A 254 -18.37 -7.49 -0.51
CA ILE A 254 -18.60 -8.82 -1.06
C ILE A 254 -17.80 -9.88 -0.31
N VAL A 255 -16.51 -9.67 -0.14
CA VAL A 255 -15.66 -10.73 0.36
C VAL A 255 -15.68 -10.84 1.88
N THR A 256 -16.28 -9.89 2.56
CA THR A 256 -16.43 -10.00 4.01
C THR A 256 -17.93 -10.28 4.33
S SO4 B . 15.07 -10.59 10.14
O1 SO4 B . 15.61 -10.82 11.55
O2 SO4 B . 15.18 -11.98 9.50
O3 SO4 B . 13.55 -10.38 10.34
O4 SO4 B . 15.61 -9.29 9.46
S SO4 C . -17.32 -9.59 14.38
O1 SO4 C . -15.99 -10.31 14.75
O2 SO4 C . -17.76 -9.88 13.02
O3 SO4 C . -17.06 -8.11 14.58
O4 SO4 C . -18.35 -10.06 15.34
O8 PNM D . -1.08 6.58 -5.33
C7 PNM D . -0.31 7.39 -4.85
N4 PNM D . -1.86 8.48 -3.24
C3 PNM D . -3.24 8.67 -3.67
C11 PNM D . -4.14 7.79 -2.79
O13 PNM D . -5.26 7.48 -3.28
O12 PNM D . -3.70 7.46 -1.68
C2 PNM D . -3.57 10.15 -3.60
C10 PNM D . -4.69 10.52 -4.58
C9 PNM D . -3.90 10.63 -2.16
S1 PNM D . -2.02 10.95 -4.19
C5 PNM D . -0.99 9.49 -3.87
C6 PNM D . -0.28 8.88 -5.13
N14 PNM D . -0.95 9.11 -6.41
C15 PNM D . -0.64 10.20 -7.13
O16 PNM D . 0.18 11.03 -6.75
C17 PNM D . -1.35 10.32 -8.48
C18 PNM D . -2.67 10.83 -8.33
C19 PNM D . -3.75 10.14 -8.90
C20 PNM D . -5.02 10.68 -8.78
C21 PNM D . -5.27 11.89 -8.14
C22 PNM D . -4.19 12.59 -7.56
C23 PNM D . -2.91 12.05 -7.67
O8 PNN E . -4.67 17.52 -11.53
C7 PNN E . -4.70 16.42 -10.99
N4 PNN E . -5.79 15.66 -11.04
C3 PNN E . -7.21 15.61 -11.28
C11 PNN E . -7.73 15.14 -12.47
O13 PNN E . -8.87 15.54 -12.84
O12 PNN E . -7.15 14.33 -13.23
C2 PNN E . -7.82 15.02 -9.99
C10 PNN E . -8.15 13.55 -10.26
C9 PNN E . -9.04 15.75 -9.43
S1 PNN E . -6.48 15.12 -8.76
C5 PNN E . -5.21 14.76 -10.04
C6 PNN E . -3.99 15.65 -10.06
N14 PNN E . -3.65 16.35 -8.81
C15 PNN E . -2.56 16.03 -8.07
O16 PNN E . -1.73 15.20 -8.45
C17 PNN E . -2.43 16.74 -6.73
C18 PNN E . -3.18 16.12 -5.70
C19 PNN E . -2.86 14.86 -5.23
C20 PNN E . -3.54 14.25 -4.18
C21 PNN E . -4.60 14.90 -3.54
C22 PNN E . -4.93 16.20 -3.99
C23 PNN E . -4.21 16.77 -5.05
O8 PNN F . 0.96 18.28 -13.54
C7 PNN F . 0.04 18.10 -12.76
N4 PNN F . -0.46 19.05 -11.94
C3 PNN F . -0.50 20.30 -11.22
C11 PNN F . -1.00 21.35 -11.77
O13 PNN F . -1.97 21.53 -12.50
O12 PNN F . -0.33 22.39 -11.59
C2 PNN F . -0.57 20.04 -9.74
C10 PNN F . -1.86 20.63 -9.20
C9 PNN F . 0.67 20.43 -8.94
S1 PNN F . -0.59 18.25 -9.67
C5 PNN F . -1.38 18.06 -11.33
C6 PNN F . -0.74 17.07 -12.28
N14 PNN F . 0.00 15.95 -11.68
C15 PNN F . -0.52 14.72 -11.69
O16 PNN F . -1.64 14.54 -12.24
C17 PNN F . 0.28 13.62 -11.03
C18 PNN F . 0.27 12.34 -11.59
C19 PNN F . 1.40 11.77 -12.17
C20 PNN F . 1.41 10.51 -12.74
C21 PNN F . 0.29 9.73 -12.76
C22 PNN F . -0.86 10.26 -12.18
C23 PNN F . -0.87 11.52 -11.61
S SO4 G . -7.23 6.41 -24.12
O1 SO4 G . -7.84 5.34 -25.05
O2 SO4 G . -6.45 5.65 -23.11
O3 SO4 G . -8.39 7.18 -23.53
O4 SO4 G . -6.28 7.28 -24.91
S SO4 H . 8.98 23.19 12.83
O1 SO4 H . 9.88 23.30 14.05
O2 SO4 H . 8.91 21.80 12.24
O3 SO4 H . 9.43 24.24 11.77
O4 SO4 H . 7.55 23.61 13.16
S SO4 I . -11.70 -19.88 13.73
O1 SO4 I . -10.31 -19.77 14.51
O2 SO4 I . -11.69 -20.87 12.58
O3 SO4 I . -12.17 -18.58 13.11
O4 SO4 I . -12.71 -20.41 14.82
#